data_2VH9
#
_entry.id   2VH9
#
_cell.length_a   100.540
_cell.length_b   100.540
_cell.length_c   61.130
_cell.angle_alpha   90.00
_cell.angle_beta   90.00
_cell.angle_gamma   120.00
#
_symmetry.space_group_name_H-M   'P 31'
#
loop_
_entity.id
_entity.type
_entity.pdbx_description
1 polymer CELLULASE
2 branched beta-D-galactopyranose-(1-2)-alpha-D-xylopyranose-(1-6)-beta-D-glucopyranose
3 branched alpha-D-xylopyranose-(1-6)-beta-D-glucopyranose
4 non-polymer 'ZINC ION'
5 non-polymer GLYCEROL
6 non-polymer beta-D-glucopyranose
7 water water
#
_entity_poly.entity_id   1
_entity_poly.type   'polypeptide(L)'
_entity_poly.pdbx_seq_one_letter_code
;MPPNILSIFLHLLPILMFSSSCLGQGPPSPGYYPSSQITSLGFDQGYTNLWGPQHQRVDQGSLTIWLDSTSGSGFKSINR
YRSGYFGANIKLQSGYTAGVITSFYLSNNQDYPGKHDEIDIEFLGTIPGKPYTLQTNVFIEGSGDREMRIHLWFDPTQDY
HNYAIYWTPSEIIFFVDDVPIRRYPRKSDATFPLRPLWVYGSVWDASSWATENGKYKADYRYQPFVGKYEDFKLGSCTVE
AASSCNPASVSPYGQLSQQQVAAMEWVQKNYMVYNYCDDPTRDHTLTPEC
;
_entity_poly.pdbx_strand_id   A,B
#
loop_
_chem_comp.id
_chem_comp.type
_chem_comp.name
_chem_comp.formula
BGC D-saccharide, beta linking beta-D-glucopyranose 'C6 H12 O6'
GAL D-saccharide, beta linking beta-D-galactopyranose 'C6 H12 O6'
GOL non-polymer GLYCEROL 'C3 H8 O3'
XYS D-saccharide, alpha linking alpha-D-xylopyranose 'C5 H10 O5'
ZN non-polymer 'ZINC ION' 'Zn 2'
#
# COMPACT_ATOMS: atom_id res chain seq x y z
N GLN A 25 25.98 29.92 4.69
CA GLN A 25 25.22 30.62 5.79
C GLN A 25 24.03 29.81 6.37
N GLY A 26 23.70 28.66 5.77
CA GLY A 26 22.69 27.74 6.32
C GLY A 26 21.32 28.33 6.54
N PRO A 27 20.38 27.53 7.08
CA PRO A 27 19.06 28.12 7.40
C PRO A 27 19.24 29.16 8.49
N PRO A 28 18.27 30.06 8.62
CA PRO A 28 18.31 30.94 9.77
C PRO A 28 18.06 30.11 11.04
N SER A 29 18.85 30.35 12.09
CA SER A 29 18.77 29.53 13.30
C SER A 29 17.33 29.47 13.81
N PRO A 30 16.89 28.26 14.20
CA PRO A 30 15.58 28.17 14.84
C PRO A 30 15.51 28.88 16.17
N GLY A 31 16.66 29.11 16.81
CA GLY A 31 16.72 29.86 18.07
C GLY A 31 16.30 29.10 19.32
N TYR A 32 16.01 27.79 19.16
CA TYR A 32 15.72 26.88 20.28
C TYR A 32 15.94 25.45 19.76
N TYR A 33 16.43 24.57 20.64
CA TYR A 33 16.94 23.27 20.22
C TYR A 33 16.35 22.17 21.11
N PRO A 34 15.09 21.78 20.82
CA PRO A 34 14.40 20.74 21.59
C PRO A 34 15.25 19.47 21.76
N SER A 35 15.90 19.03 20.69
CA SER A 35 16.67 17.78 20.73
C SER A 35 17.72 17.80 21.84
N SER A 36 18.30 18.98 22.10
CA SER A 36 19.38 19.15 23.07
C SER A 36 18.83 19.16 24.49
N GLN A 37 17.53 19.33 24.64
CA GLN A 37 16.87 19.42 25.93
C GLN A 37 16.26 18.08 26.39
N ILE A 38 16.51 17.03 25.63
CA ILE A 38 15.92 15.73 25.91
C ILE A 38 17.10 14.76 25.98
N THR A 39 17.02 13.83 26.94
CA THR A 39 18.08 12.87 27.18
C THR A 39 18.30 11.95 25.96
N SER A 40 19.54 11.80 25.55
CA SER A 40 19.90 10.84 24.52
C SER A 40 19.88 9.43 25.12
N LEU A 41 19.19 8.50 24.49
CA LEU A 41 19.15 7.10 24.92
C LEU A 41 19.85 6.21 23.92
N GLY A 42 20.35 5.08 24.42
CA GLY A 42 20.83 4.00 23.56
C GLY A 42 19.64 3.20 23.05
N PHE A 43 19.87 2.44 21.97
CA PHE A 43 18.80 1.72 21.29
C PHE A 43 18.00 0.84 22.24
N ASP A 44 18.73 0.06 23.06
CA ASP A 44 18.13 -0.92 23.96
C ASP A 44 17.29 -0.32 25.06
N GLN A 45 17.43 0.98 25.31
CA GLN A 45 16.58 1.63 26.31
C GLN A 45 15.17 1.94 25.79
N GLY A 46 14.97 1.96 24.47
CA GLY A 46 13.68 2.32 23.90
C GLY A 46 13.09 1.38 22.84
N TYR A 47 13.88 0.44 22.36
CA TYR A 47 13.60 -0.28 21.14
C TYR A 47 14.11 -1.71 21.21
N THR A 48 13.51 -2.60 20.42
CA THR A 48 14.08 -3.92 20.09
C THR A 48 13.91 -4.17 18.61
N ASN A 49 14.66 -5.12 18.08
CA ASN A 49 14.43 -5.61 16.74
C ASN A 49 12.97 -6.05 16.53
N LEU A 50 12.45 -5.77 15.33
CA LEU A 50 11.16 -6.27 14.88
C LEU A 50 11.40 -7.38 13.85
N TRP A 51 12.32 -7.16 12.93
CA TRP A 51 12.57 -8.15 11.89
C TRP A 51 13.97 -7.96 11.35
N GLY A 52 14.51 -9.01 10.76
CA GLY A 52 15.89 -9.00 10.29
C GLY A 52 16.92 -8.81 11.39
N PRO A 53 16.83 -9.60 12.47
CA PRO A 53 17.79 -9.46 13.58
C PRO A 53 19.24 -9.67 13.17
N GLN A 54 19.44 -10.56 12.20
CA GLN A 54 20.75 -10.85 11.63
C GLN A 54 21.33 -9.69 10.81
N HIS A 55 20.51 -8.68 10.54
CA HIS A 55 20.94 -7.46 9.86
C HIS A 55 20.79 -6.25 10.80
N GLN A 56 20.97 -6.52 12.09
CA GLN A 56 20.97 -5.50 13.12
C GLN A 56 22.17 -5.70 14.03
N ARG A 57 22.87 -4.61 14.33
CA ARG A 57 23.92 -4.54 15.34
C ARG A 57 23.79 -3.30 16.20
N VAL A 58 24.06 -3.44 17.48
CA VAL A 58 24.06 -2.35 18.43
C VAL A 58 25.45 -2.29 19.07
N ASP A 59 26.07 -1.12 19.04
CA ASP A 59 27.37 -0.93 19.67
C ASP A 59 27.35 0.36 20.50
N GLN A 60 27.36 0.17 21.82
CA GLN A 60 27.28 1.26 22.78
C GLN A 60 26.08 2.17 22.53
N GLY A 61 24.91 1.56 22.37
CA GLY A 61 23.68 2.31 22.16
C GLY A 61 23.37 2.71 20.73
N SER A 62 24.37 2.61 19.84
CA SER A 62 24.22 3.00 18.45
C SER A 62 23.79 1.83 17.59
N LEU A 63 22.84 2.10 16.70
CA LEU A 63 22.20 1.06 15.87
C LEU A 63 22.76 1.10 14.45
N THR A 64 23.06 -0.08 13.94
CA THR A 64 23.37 -0.25 12.53
C THR A 64 22.48 -1.33 11.96
N ILE A 65 21.80 -0.99 10.86
CA ILE A 65 20.93 -1.94 10.18
C ILE A 65 21.21 -1.89 8.70
N TRP A 66 20.98 -3.01 8.02
CA TRP A 66 21.28 -3.04 6.62
C TRP A 66 20.42 -3.99 5.79
N LEU A 67 20.44 -3.69 4.49
CA LEU A 67 19.65 -4.34 3.45
C LEU A 67 20.63 -5.01 2.50
N ASP A 68 20.41 -6.30 2.24
CA ASP A 68 20.98 -6.98 1.08
C ASP A 68 19.87 -7.79 0.41
N SER A 69 20.26 -8.69 -0.49
CA SER A 69 19.32 -9.34 -1.38
C SER A 69 18.52 -10.42 -0.64
N THR A 70 18.91 -10.72 0.60
CA THR A 70 18.21 -11.71 1.39
C THR A 70 17.24 -11.07 2.40
N SER A 71 17.55 -9.86 2.86
CA SER A 71 16.75 -9.20 3.89
C SER A 71 17.19 -7.77 4.15
N GLY A 72 16.23 -6.94 4.53
CA GLY A 72 16.50 -5.68 5.23
C GLY A 72 16.46 -5.94 6.71
N SER A 73 16.18 -4.91 7.48
CA SER A 73 15.97 -5.03 8.90
C SER A 73 15.12 -3.88 9.41
N GLY A 74 14.44 -4.08 10.54
CA GLY A 74 13.66 -3.04 11.16
C GLY A 74 13.41 -3.24 12.65
N PHE A 75 13.08 -2.15 13.33
CA PHE A 75 12.92 -2.14 14.76
C PHE A 75 11.65 -1.43 15.19
N LYS A 76 11.30 -1.61 16.46
CA LYS A 76 10.04 -1.13 17.00
C LYS A 76 10.23 -0.67 18.45
N SER A 77 9.58 0.42 18.83
CA SER A 77 9.65 0.87 20.23
C SER A 77 9.08 -0.17 21.17
N ILE A 78 9.63 -0.20 22.38
CA ILE A 78 9.16 -1.06 23.46
C ILE A 78 7.78 -0.60 23.93
N ASN A 79 7.57 0.70 23.97
CA ASN A 79 6.33 1.24 24.45
C ASN A 79 5.49 1.80 23.31
N ARG A 80 4.20 1.92 23.60
CA ARG A 80 3.21 2.47 22.70
C ARG A 80 2.80 3.81 23.29
N TYR A 81 2.63 4.81 22.46
CA TYR A 81 2.57 6.21 22.91
C TYR A 81 1.27 6.91 22.53
N ARG A 82 0.89 7.92 23.32
CA ARG A 82 -0.23 8.78 23.01
C ARG A 82 0.19 10.20 22.58
N SER A 83 1.43 10.56 22.84
CA SER A 83 1.97 11.85 22.39
C SER A 83 3.47 11.87 22.65
N GLY A 84 4.18 12.85 22.08
CA GLY A 84 5.59 12.98 22.35
C GLY A 84 6.44 13.61 21.28
N TYR A 85 7.71 13.80 21.65
CA TYR A 85 8.79 14.12 20.72
C TYR A 85 9.55 12.80 20.50
N PHE A 86 9.73 12.41 19.25
CA PHE A 86 10.38 11.17 18.89
C PHE A 86 11.50 11.45 17.90
N GLY A 87 12.73 11.23 18.35
CA GLY A 87 13.92 11.74 17.68
C GLY A 87 15.04 10.72 17.59
N ALA A 88 15.84 10.86 16.54
CA ALA A 88 17.04 10.06 16.41
C ALA A 88 18.05 10.81 15.56
N ASN A 89 19.32 10.58 15.86
CA ASN A 89 20.38 11.04 14.97
C ASN A 89 20.62 9.93 13.97
N ILE A 90 20.59 10.26 12.68
CA ILE A 90 20.65 9.27 11.61
C ILE A 90 21.75 9.65 10.62
N LYS A 91 22.48 8.65 10.15
CA LYS A 91 23.42 8.81 9.02
C LYS A 91 23.09 7.84 7.86
N LEU A 92 23.01 8.39 6.66
CA LEU A 92 22.64 7.65 5.45
C LEU A 92 23.87 7.14 4.70
N GLN A 93 23.63 6.19 3.79
CA GLN A 93 24.67 5.61 2.94
C GLN A 93 24.81 6.38 1.64
N SER A 94 26.05 6.70 1.28
CA SER A 94 26.34 7.35 0.02
C SER A 94 26.39 6.33 -1.11
N GLY A 95 26.63 6.81 -2.32
CA GLY A 95 26.74 5.95 -3.51
C GLY A 95 25.38 5.61 -4.11
N TYR A 96 25.30 4.47 -4.81
CA TYR A 96 24.06 4.01 -5.45
C TYR A 96 23.15 3.45 -4.35
N THR A 97 22.01 4.11 -4.13
CA THR A 97 21.02 3.71 -3.11
C THR A 97 19.58 3.75 -3.66
N ALA A 98 19.45 3.79 -4.98
CA ALA A 98 18.15 3.84 -5.61
C ALA A 98 17.27 2.67 -5.18
N GLY A 99 16.00 2.98 -4.95
CA GLY A 99 15.02 1.98 -4.52
C GLY A 99 15.01 1.68 -3.03
N VAL A 100 15.95 2.27 -2.28
CA VAL A 100 16.14 1.93 -0.87
C VAL A 100 15.65 3.08 0.01
N ILE A 101 14.83 2.72 1.00
CA ILE A 101 14.30 3.63 1.98
C ILE A 101 14.89 3.35 3.37
N THR A 102 15.33 4.43 4.02
CA THR A 102 15.71 4.42 5.42
C THR A 102 14.67 5.23 6.12
N SER A 103 14.02 4.64 7.12
CA SER A 103 12.84 5.21 7.72
C SER A 103 12.97 5.42 9.25
N PHE A 104 12.16 6.36 9.74
CA PHE A 104 11.96 6.59 11.14
C PHE A 104 10.56 7.16 11.21
N TYR A 105 9.65 6.44 11.86
CA TYR A 105 8.23 6.79 11.78
C TYR A 105 7.39 6.29 12.97
N LEU A 106 6.22 6.88 13.11
CA LEU A 106 5.20 6.40 14.05
C LEU A 106 4.09 5.67 13.27
N SER A 107 3.60 4.56 13.79
CA SER A 107 2.54 3.78 13.13
C SER A 107 1.75 2.93 14.10
N ASN A 108 0.52 2.60 13.70
CA ASN A 108 -0.24 1.57 14.40
C ASN A 108 -0.77 0.49 13.43
N ASN A 109 -0.03 0.29 12.34
CA ASN A 109 -0.42 -0.64 11.29
C ASN A 109 -0.59 -2.07 11.76
N GLN A 110 0.18 -2.49 12.77
CA GLN A 110 0.03 -3.83 13.34
C GLN A 110 -1.18 -3.97 14.28
N ASP A 111 -1.68 -2.84 14.77
CA ASP A 111 -2.86 -2.81 15.63
C ASP A 111 -4.17 -2.65 14.83
N TYR A 112 -4.11 -1.96 13.70
CA TYR A 112 -5.29 -1.68 12.87
C TYR A 112 -4.97 -2.06 11.44
N PRO A 113 -4.72 -3.35 11.20
CA PRO A 113 -4.29 -3.77 9.87
C PRO A 113 -5.27 -3.34 8.76
N GLY A 114 -4.72 -2.67 7.75
CA GLY A 114 -5.44 -2.27 6.57
C GLY A 114 -6.13 -0.92 6.66
N LYS A 115 -6.22 -0.34 7.85
CA LYS A 115 -6.88 0.97 8.09
C LYS A 115 -6.25 1.71 9.28
N HIS A 116 -4.96 2.00 9.17
CA HIS A 116 -4.15 2.44 10.30
C HIS A 116 -3.72 3.91 10.17
N ASP A 117 -3.08 4.44 11.19
CA ASP A 117 -2.53 5.80 11.16
C ASP A 117 -1.00 5.74 11.19
N GLU A 118 -0.39 6.79 10.66
CA GLU A 118 1.04 6.82 10.48
C GLU A 118 1.54 8.28 10.41
N ILE A 119 2.74 8.52 10.90
CA ILE A 119 3.44 9.81 10.70
C ILE A 119 4.89 9.48 10.35
N ASP A 120 5.32 9.85 9.15
CA ASP A 120 6.50 9.27 8.53
C ASP A 120 7.59 10.27 8.24
N ILE A 121 8.83 9.83 8.51
CA ILE A 121 10.03 10.36 7.84
C ILE A 121 10.62 9.20 7.02
N GLU A 122 10.79 9.41 5.73
CA GLU A 122 11.39 8.43 4.85
C GLU A 122 12.49 9.11 4.04
N PHE A 123 13.68 8.53 4.07
CA PHE A 123 14.80 8.98 3.23
C PHE A 123 14.79 8.11 1.99
N LEU A 124 14.62 8.75 0.83
CA LEU A 124 14.48 8.05 -0.44
C LEU A 124 15.83 8.07 -1.13
N GLY A 125 16.42 6.88 -1.24
CA GLY A 125 17.71 6.69 -1.91
C GLY A 125 17.73 7.17 -3.36
N THR A 126 18.91 7.13 -3.95
CA THR A 126 19.20 7.87 -5.16
C THR A 126 20.31 7.20 -6.00
N ILE A 127 20.37 7.56 -7.28
CA ILE A 127 21.49 7.16 -8.13
C ILE A 127 22.68 8.10 -7.87
N PRO A 128 23.92 7.65 -8.14
CA PRO A 128 25.13 8.45 -7.86
C PRO A 128 25.05 9.85 -8.49
N GLY A 129 25.42 10.87 -7.73
CA GLY A 129 25.41 12.24 -8.20
C GLY A 129 24.19 13.05 -7.79
N LYS A 130 23.13 12.36 -7.37
CA LYS A 130 21.88 13.03 -7.05
C LYS A 130 21.62 13.00 -5.53
N PRO A 131 20.87 13.97 -5.03
CA PRO A 131 20.67 14.02 -3.58
C PRO A 131 19.55 13.12 -3.05
N TYR A 132 19.63 12.81 -1.76
CA TYR A 132 18.54 12.16 -1.06
C TYR A 132 17.33 13.06 -1.03
N THR A 133 16.16 12.43 -0.99
CA THR A 133 14.92 13.16 -0.79
C THR A 133 14.40 12.74 0.58
N LEU A 134 14.04 13.71 1.39
CA LEU A 134 13.39 13.44 2.67
C LEU A 134 11.89 13.66 2.48
N GLN A 135 11.10 12.58 2.62
CA GLN A 135 9.66 12.66 2.54
C GLN A 135 9.01 12.58 3.92
N THR A 136 8.10 13.51 4.19
CA THR A 136 7.20 13.43 5.33
C THR A 136 5.80 13.10 4.84
N ASN A 137 5.05 12.38 5.67
CA ASN A 137 3.70 11.97 5.31
C ASN A 137 2.86 11.75 6.56
N VAL A 138 1.55 11.86 6.39
CA VAL A 138 0.59 11.57 7.45
C VAL A 138 -0.51 10.66 6.87
N PHE A 139 -0.81 9.56 7.58
CA PHE A 139 -1.91 8.64 7.25
C PHE A 139 -2.93 8.66 8.38
N ILE A 140 -4.21 8.79 8.04
CA ILE A 140 -5.27 8.69 9.03
C ILE A 140 -6.30 7.65 8.54
N GLU A 141 -6.49 6.58 9.33
CA GLU A 141 -7.45 5.52 9.00
C GLU A 141 -7.31 5.09 7.54
N GLY A 142 -6.09 4.76 7.12
CA GLY A 142 -5.83 4.29 5.76
C GLY A 142 -5.53 5.38 4.73
N SER A 143 -5.89 6.62 5.04
CA SER A 143 -5.76 7.72 4.09
C SER A 143 -4.45 8.51 4.19
N GLY A 144 -3.57 8.27 3.22
CA GLY A 144 -2.31 9.00 3.10
C GLY A 144 -2.38 10.09 2.06
N ASP A 145 -1.48 10.04 1.08
CA ASP A 145 -1.40 11.05 0.03
C ASP A 145 -1.22 12.46 0.60
N ARG A 146 -0.50 12.55 1.71
CA ARG A 146 -0.21 13.81 2.36
C ARG A 146 1.31 14.06 2.43
N GLU A 147 1.99 13.79 1.33
CA GLU A 147 3.44 13.85 1.26
C GLU A 147 3.93 15.28 1.06
N MET A 148 4.98 15.63 1.78
CA MET A 148 5.84 16.74 1.40
C MET A 148 7.28 16.24 1.37
N ARG A 149 8.01 16.68 0.34
CA ARG A 149 9.40 16.27 0.09
C ARG A 149 10.31 17.49 0.02
N ILE A 150 11.51 17.34 0.59
CA ILE A 150 12.55 18.31 0.50
C ILE A 150 13.88 17.63 0.19
N HIS A 151 14.84 18.43 -0.29
CA HIS A 151 16.24 18.06 -0.24
C HIS A 151 16.82 18.81 0.94
N LEU A 152 18.06 18.48 1.28
CA LEU A 152 18.67 18.98 2.49
C LEU A 152 19.81 19.94 2.18
N TRP A 153 20.11 20.76 3.17
CA TRP A 153 21.08 21.83 3.06
C TRP A 153 22.45 21.38 3.58
N PHE A 154 22.62 20.07 3.64
CA PHE A 154 23.85 19.41 4.05
C PHE A 154 23.85 18.02 3.41
N ASP A 155 24.98 17.32 3.51
CA ASP A 155 25.11 15.96 3.03
C ASP A 155 24.72 14.99 4.15
N PRO A 156 23.57 14.30 4.00
CA PRO A 156 23.12 13.43 5.08
C PRO A 156 23.84 12.07 5.18
N THR A 157 24.81 11.82 4.29
CA THR A 157 25.65 10.61 4.33
C THR A 157 26.99 10.81 5.03
N GLN A 158 27.39 12.05 5.21
CA GLN A 158 28.72 12.36 5.68
C GLN A 158 28.77 12.36 7.22
N ASP A 159 27.69 12.77 7.86
CA ASP A 159 27.62 12.89 9.31
C ASP A 159 26.22 12.54 9.77
N TYR A 160 26.06 12.30 11.07
CA TYR A 160 24.72 12.13 11.66
C TYR A 160 24.04 13.49 11.88
N HIS A 161 22.74 13.54 11.56
CA HIS A 161 21.90 14.68 11.84
C HIS A 161 20.71 14.28 12.65
N ASN A 162 20.16 15.24 13.40
CA ASN A 162 18.96 14.99 14.16
C ASN A 162 17.71 15.07 13.27
N TYR A 163 16.81 14.11 13.47
CA TYR A 163 15.50 14.10 12.79
C TYR A 163 14.45 13.73 13.83
N ALA A 164 13.29 14.39 13.78
CA ALA A 164 12.28 14.18 14.80
C ALA A 164 10.87 14.41 14.34
N ILE A 165 9.97 13.65 14.96
CA ILE A 165 8.54 13.80 14.81
C ILE A 165 7.97 14.20 16.15
N TYR A 166 7.25 15.32 16.16
CA TYR A 166 6.57 15.78 17.34
C TYR A 166 5.08 15.60 17.08
N TRP A 167 4.40 14.96 18.03
CA TRP A 167 3.02 14.61 17.89
C TRP A 167 2.29 14.86 19.20
N THR A 168 1.36 15.81 19.20
CA THR A 168 0.44 15.99 20.31
C THR A 168 -1.02 15.99 19.84
N PRO A 169 -1.98 16.00 20.79
CA PRO A 169 -3.35 16.16 20.35
C PRO A 169 -3.70 17.49 19.66
N SER A 170 -2.78 18.44 19.54
CA SER A 170 -3.07 19.65 18.74
C SER A 170 -2.25 19.85 17.45
N GLU A 171 -1.14 19.12 17.28
CA GLU A 171 -0.27 19.34 16.12
C GLU A 171 0.73 18.23 15.87
N ILE A 172 1.28 18.23 14.65
CA ILE A 172 2.43 17.44 14.29
C ILE A 172 3.46 18.42 13.76
N ILE A 173 4.70 18.29 14.21
CA ILE A 173 5.79 19.06 13.63
C ILE A 173 6.94 18.12 13.32
N PHE A 174 7.53 18.30 12.14
CA PHE A 174 8.68 17.53 11.68
C PHE A 174 9.91 18.40 11.72
N PHE A 175 11.01 17.88 12.28
CA PHE A 175 12.25 18.63 12.48
C PHE A 175 13.45 17.95 11.85
N VAL A 176 14.38 18.79 11.39
CA VAL A 176 15.71 18.40 10.96
C VAL A 176 16.71 19.28 11.75
N ASP A 177 17.56 18.69 12.59
CA ASP A 177 18.48 19.46 13.45
C ASP A 177 17.74 20.64 14.10
N ASP A 178 16.56 20.35 14.64
CA ASP A 178 15.71 21.31 15.34
C ASP A 178 15.15 22.43 14.46
N VAL A 179 15.42 22.39 13.16
CA VAL A 179 14.73 23.26 12.20
C VAL A 179 13.38 22.62 11.87
N PRO A 180 12.25 23.29 12.17
CA PRO A 180 10.99 22.69 11.73
C PRO A 180 10.91 22.76 10.20
N ILE A 181 10.50 21.67 9.55
CA ILE A 181 10.37 21.68 8.11
C ILE A 181 8.90 21.62 7.70
N ARG A 182 8.05 21.21 8.62
CA ARG A 182 6.65 21.05 8.34
C ARG A 182 5.85 21.05 9.62
N ARG A 183 4.72 21.76 9.59
CA ARG A 183 3.74 21.68 10.67
C ARG A 183 2.38 21.23 10.13
N TYR A 184 1.74 20.30 10.83
CA TYR A 184 0.45 19.74 10.43
C TYR A 184 -0.47 19.86 11.63
N PRO A 185 -1.24 20.95 11.69
CA PRO A 185 -2.05 21.15 12.88
C PRO A 185 -3.37 20.38 12.80
N ARG A 186 -3.92 20.06 13.97
CA ARG A 186 -5.22 19.39 14.02
C ARG A 186 -6.30 20.38 13.58
N LYS A 187 -6.92 20.11 12.44
CA LYS A 187 -8.00 20.95 11.92
C LYS A 187 -9.35 20.28 12.09
N SER A 188 -9.38 18.96 11.92
CA SER A 188 -10.56 18.15 12.17
C SER A 188 -10.11 16.76 12.64
N ASP A 189 -10.99 16.02 13.32
CA ASP A 189 -10.67 14.68 13.78
C ASP A 189 -10.40 13.71 12.65
N ALA A 190 -11.13 13.87 11.55
CA ALA A 190 -11.00 12.95 10.44
C ALA A 190 -9.64 13.07 9.77
N THR A 191 -8.93 14.17 9.97
CA THR A 191 -7.68 14.42 9.24
C THR A 191 -6.45 14.44 10.15
N PHE A 192 -6.60 13.93 11.39
CA PHE A 192 -5.53 13.96 12.39
C PHE A 192 -5.40 12.63 13.13
N PRO A 193 -4.16 12.14 13.34
CA PRO A 193 -3.90 10.90 14.09
C PRO A 193 -4.24 11.02 15.59
N LEU A 194 -5.26 10.31 16.01
CA LEU A 194 -5.78 10.43 17.39
C LEU A 194 -5.78 9.12 18.13
N ARG A 195 -5.09 8.11 17.59
CA ARG A 195 -4.95 6.82 18.26
C ARG A 195 -3.49 6.58 18.63
N PRO A 196 -3.24 5.68 19.59
CA PRO A 196 -1.86 5.43 19.97
C PRO A 196 -0.98 4.88 18.84
N LEU A 197 0.30 5.23 18.91
CA LEU A 197 1.27 4.89 17.88
C LEU A 197 2.53 4.32 18.51
N TRP A 198 3.17 3.40 17.79
CA TRP A 198 4.52 2.95 18.15
C TRP A 198 5.51 3.64 17.22
N VAL A 199 6.76 3.67 17.65
CA VAL A 199 7.88 4.14 16.83
C VAL A 199 8.48 2.92 16.10
N TYR A 200 8.84 3.11 14.83
CA TYR A 200 9.52 2.11 14.02
C TYR A 200 10.64 2.72 13.21
N GLY A 201 11.53 1.86 12.75
CA GLY A 201 12.47 2.21 11.67
C GLY A 201 12.77 0.96 10.87
N SER A 202 13.34 1.17 9.70
CA SER A 202 13.67 0.09 8.78
C SER A 202 14.62 0.59 7.68
N VAL A 203 15.34 -0.34 7.08
CA VAL A 203 15.97 -0.12 5.77
C VAL A 203 15.37 -1.22 4.87
N TRP A 204 14.80 -0.82 3.74
CA TRP A 204 14.10 -1.78 2.91
C TRP A 204 14.03 -1.34 1.47
N ASP A 205 13.69 -2.32 0.64
CA ASP A 205 13.68 -2.19 -0.78
C ASP A 205 12.29 -1.81 -1.20
N ALA A 206 12.18 -0.55 -1.59
CA ALA A 206 10.91 0.03 -2.05
C ALA A 206 11.05 0.46 -3.52
N SER A 207 11.61 -0.42 -4.35
CA SER A 207 11.99 -0.07 -5.73
C SER A 207 10.85 0.47 -6.57
N SER A 208 9.65 -0.04 -6.34
CA SER A 208 8.46 0.38 -7.14
C SER A 208 8.20 1.87 -7.13
N TRP A 209 8.57 2.59 -6.05
CA TRP A 209 8.23 4.03 -5.91
C TRP A 209 9.26 4.98 -5.28
N ALA A 210 10.27 4.44 -4.61
CA ALA A 210 11.14 5.27 -3.76
C ALA A 210 11.87 6.37 -4.53
N THR A 211 12.52 5.99 -5.62
CA THR A 211 13.42 6.90 -6.35
C THR A 211 12.83 7.39 -7.68
N GLU A 212 12.48 8.68 -7.72
CA GLU A 212 11.82 9.29 -8.89
C GLU A 212 10.61 8.45 -9.34
N ASN A 213 9.77 8.13 -8.35
CA ASN A 213 8.59 7.29 -8.49
C ASN A 213 8.83 5.92 -9.14
N GLY A 214 10.01 5.34 -8.91
CA GLY A 214 10.35 4.05 -9.48
C GLY A 214 11.07 4.08 -10.81
N LYS A 215 11.44 5.28 -11.27
CA LYS A 215 12.25 5.39 -12.48
C LYS A 215 13.53 4.57 -12.30
N TYR A 216 14.13 4.61 -11.12
CA TYR A 216 15.41 3.92 -10.87
C TYR A 216 15.22 3.00 -9.65
N LYS A 217 15.68 1.75 -9.79
CA LYS A 217 15.35 0.69 -8.84
C LYS A 217 16.62 0.13 -8.15
N ALA A 218 16.41 -0.69 -7.12
CA ALA A 218 17.50 -1.27 -6.34
C ALA A 218 18.46 -2.06 -7.22
N ASP A 219 19.76 -1.88 -6.97
CA ASP A 219 20.77 -2.67 -7.67
C ASP A 219 21.66 -3.27 -6.60
N TYR A 220 21.54 -4.58 -6.38
CA TYR A 220 22.24 -5.21 -5.29
C TYR A 220 23.73 -5.46 -5.54
N ARG A 221 24.27 -5.01 -6.66
CA ARG A 221 25.73 -5.03 -6.83
C ARG A 221 26.42 -4.11 -5.84
N TYR A 222 25.65 -3.17 -5.28
CA TYR A 222 26.15 -2.18 -4.33
C TYR A 222 25.79 -2.49 -2.89
N GLN A 223 25.27 -3.70 -2.65
CA GLN A 223 24.89 -4.12 -1.31
C GLN A 223 26.15 -4.28 -0.45
N PRO A 224 26.01 -4.15 0.87
CA PRO A 224 24.77 -3.85 1.60
C PRO A 224 24.44 -2.36 1.61
N PHE A 225 23.21 -2.04 1.95
CA PHE A 225 22.75 -0.66 2.12
C PHE A 225 22.46 -0.44 3.58
N VAL A 226 23.27 0.41 4.21
CA VAL A 226 23.31 0.55 5.66
C VAL A 226 22.61 1.82 6.14
N GLY A 227 21.86 1.70 7.23
CA GLY A 227 21.28 2.83 7.94
C GLY A 227 21.85 2.84 9.36
N LYS A 228 22.14 4.03 9.88
CA LYS A 228 22.77 4.17 11.19
C LYS A 228 22.03 5.19 12.07
N TYR A 229 21.66 4.77 13.27
CA TYR A 229 20.84 5.57 14.17
C TYR A 229 21.45 5.57 15.57
N GLU A 230 21.44 6.74 16.23
CA GLU A 230 21.93 6.85 17.61
C GLU A 230 21.33 8.08 18.28
N ASP A 231 21.61 8.26 19.56
CA ASP A 231 21.06 9.39 20.33
C ASP A 231 19.56 9.49 20.17
N PHE A 232 18.89 8.40 20.52
CA PHE A 232 17.46 8.32 20.45
C PHE A 232 16.86 9.26 21.49
N LYS A 233 15.81 9.95 21.10
CA LYS A 233 15.11 10.88 21.95
C LYS A 233 13.64 10.46 22.07
N LEU A 234 13.17 10.37 23.31
CA LEU A 234 11.78 10.00 23.61
C LEU A 234 11.22 10.92 24.69
N GLY A 235 10.88 12.16 24.33
CA GLY A 235 10.23 13.09 25.27
C GLY A 235 8.73 12.93 25.19
N SER A 236 8.23 11.83 25.72
CA SER A 236 6.94 11.31 25.28
C SER A 236 6.07 10.72 26.41
N CYS A 237 4.81 10.45 26.09
CA CYS A 237 3.85 9.96 27.05
C CYS A 237 3.30 8.64 26.53
N THR A 238 3.66 7.55 27.19
CA THR A 238 3.15 6.24 26.83
C THR A 238 1.64 6.21 27.07
N VAL A 239 0.95 5.23 26.50
CA VAL A 239 -0.48 5.07 26.75
C VAL A 239 -0.73 4.86 28.25
N GLU A 240 0.20 4.19 28.92
CA GLU A 240 0.09 3.86 30.35
C GLU A 240 0.42 5.04 31.29
N ALA A 241 1.07 6.08 30.78
CA ALA A 241 1.51 7.21 31.61
C ALA A 241 0.38 7.85 32.38
N ALA A 242 0.73 8.46 33.51
CA ALA A 242 -0.20 9.20 34.32
C ALA A 242 -0.74 10.39 33.51
N SER A 243 -2.00 10.74 33.77
CA SER A 243 -2.66 11.80 33.00
C SER A 243 -2.08 13.18 33.24
N SER A 244 -1.16 13.28 34.21
CA SER A 244 -0.34 14.47 34.39
C SER A 244 0.80 14.60 33.36
N CYS A 245 1.15 13.48 32.70
CA CYS A 245 2.29 13.42 31.76
C CYS A 245 2.15 14.46 30.68
N ASN A 246 3.26 15.15 30.39
CA ASN A 246 3.33 16.11 29.28
C ASN A 246 4.42 15.72 28.32
N PRO A 247 4.15 15.85 27.02
CA PRO A 247 5.25 15.63 26.08
C PRO A 247 6.33 16.70 26.24
N ALA A 248 7.53 16.40 25.79
CA ALA A 248 8.58 17.38 25.69
C ALA A 248 8.04 18.63 24.99
N SER A 249 8.53 19.78 25.42
CA SER A 249 8.13 21.05 24.82
C SER A 249 9.03 21.33 23.60
N VAL A 250 8.45 21.93 22.59
CA VAL A 250 9.16 22.23 21.35
C VAL A 250 9.41 23.74 21.18
N SER A 251 9.04 24.50 22.21
CA SER A 251 9.29 25.96 22.26
C SER A 251 9.16 26.44 23.70
N PRO A 252 9.99 27.41 24.10
CA PRO A 252 9.74 27.99 25.43
C PRO A 252 8.49 28.90 25.47
N TYR A 253 7.85 29.11 24.32
CA TYR A 253 6.70 30.03 24.26
C TYR A 253 5.38 29.29 24.00
N GLY A 254 5.36 27.98 24.23
CA GLY A 254 4.19 27.18 23.93
C GLY A 254 4.01 26.89 22.45
N GLN A 255 4.17 27.91 21.61
CA GLN A 255 4.04 27.75 20.15
C GLN A 255 5.34 28.08 19.43
N LEU A 256 5.43 27.67 18.17
CA LEU A 256 6.60 27.94 17.37
C LEU A 256 6.93 29.43 17.45
N SER A 257 8.17 29.74 17.80
CA SER A 257 8.65 31.11 17.86
C SER A 257 8.76 31.74 16.48
N GLN A 258 9.03 33.03 16.49
CA GLN A 258 9.25 33.77 15.27
C GLN A 258 10.43 33.16 14.52
N GLN A 259 11.49 32.78 15.23
CA GLN A 259 12.70 32.24 14.60
C GLN A 259 12.43 30.84 14.03
N GLN A 260 11.61 30.06 14.71
CA GLN A 260 11.30 28.72 14.27
C GLN A 260 10.51 28.77 12.97
N VAL A 261 9.50 29.63 12.93
CA VAL A 261 8.65 29.80 11.77
C VAL A 261 9.45 30.34 10.58
N ALA A 262 10.31 31.34 10.81
CA ALA A 262 11.17 31.89 9.74
C ALA A 262 12.09 30.82 9.19
N ALA A 263 12.67 30.00 10.08
CA ALA A 263 13.51 28.89 9.62
C ALA A 263 12.72 27.90 8.78
N MET A 264 11.50 27.56 9.24
CA MET A 264 10.62 26.67 8.50
C MET A 264 10.22 27.23 7.12
N GLU A 265 9.86 28.51 7.06
CA GLU A 265 9.48 29.15 5.79
C GLU A 265 10.65 29.20 4.82
N TRP A 266 11.84 29.45 5.35
CA TRP A 266 13.05 29.39 4.54
C TRP A 266 13.26 28.00 3.92
N VAL A 267 13.00 26.96 4.69
CA VAL A 267 13.14 25.59 4.18
C VAL A 267 12.13 25.32 3.05
N GLN A 268 10.90 25.78 3.26
CA GLN A 268 9.81 25.51 2.33
C GLN A 268 9.95 26.36 1.08
N LYS A 269 10.44 27.58 1.22
CA LYS A 269 10.78 28.42 0.08
C LYS A 269 11.93 27.85 -0.77
N ASN A 270 12.95 27.29 -0.14
CA ASN A 270 14.20 27.02 -0.84
C ASN A 270 14.53 25.54 -1.06
N TYR A 271 13.87 24.64 -0.32
CA TYR A 271 14.23 23.19 -0.36
C TYR A 271 13.10 22.22 -0.66
N MET A 272 11.86 22.69 -0.59
CA MET A 272 10.70 21.83 -0.79
C MET A 272 10.61 21.56 -2.26
N VAL A 273 10.49 20.28 -2.61
CA VAL A 273 10.34 19.87 -4.00
C VAL A 273 8.97 19.27 -4.35
N TYR A 274 8.17 18.93 -3.33
CA TYR A 274 6.83 18.44 -3.52
C TYR A 274 5.98 18.74 -2.29
N ASN A 275 4.77 19.27 -2.53
CA ASN A 275 3.76 19.42 -1.49
C ASN A 275 2.41 18.97 -2.07
N TYR A 276 1.80 17.98 -1.43
CA TYR A 276 0.54 17.42 -1.92
C TYR A 276 -0.54 18.48 -2.16
N CYS A 277 -0.62 19.46 -1.28
CA CYS A 277 -1.64 20.50 -1.35
C CYS A 277 -1.48 21.40 -2.58
N ASP A 278 -0.28 21.44 -3.15
CA ASP A 278 0.00 22.27 -4.33
C ASP A 278 0.12 21.47 -5.62
N ASP A 279 -0.10 20.17 -5.57
CA ASP A 279 -0.06 19.33 -6.77
C ASP A 279 -1.41 19.45 -7.50
N PRO A 280 -1.44 20.06 -8.71
CA PRO A 280 -2.71 20.18 -9.45
C PRO A 280 -3.35 18.86 -9.89
N THR A 281 -2.59 17.76 -9.85
CA THR A 281 -3.13 16.44 -10.17
C THR A 281 -3.80 15.75 -8.99
N ARG A 282 -3.70 16.34 -7.81
CA ARG A 282 -4.33 15.82 -6.64
C ARG A 282 -5.62 16.58 -6.40
N ASP A 283 -6.64 15.83 -5.98
CA ASP A 283 -7.93 16.39 -5.63
C ASP A 283 -7.89 16.77 -4.16
N HIS A 284 -7.71 18.06 -3.89
CA HIS A 284 -7.50 18.55 -2.51
C HIS A 284 -8.74 18.42 -1.66
N THR A 285 -9.90 18.22 -2.30
CA THR A 285 -11.15 17.87 -1.61
C THR A 285 -11.00 16.64 -0.74
N LEU A 286 -10.19 15.70 -1.20
CA LEU A 286 -9.96 14.47 -0.48
C LEU A 286 -9.02 14.66 0.73
N THR A 287 -8.32 15.79 0.79
CA THR A 287 -7.44 16.17 1.91
C THR A 287 -7.86 17.57 2.42
N PRO A 288 -9.00 17.64 3.12
CA PRO A 288 -9.62 18.94 3.48
C PRO A 288 -8.82 19.86 4.37
N GLU A 289 -7.83 19.32 5.07
CA GLU A 289 -6.93 20.11 5.89
C GLU A 289 -6.02 21.08 5.10
N CYS A 290 -5.91 20.89 3.78
CA CYS A 290 -5.03 21.74 2.97
C CYS A 290 -5.46 23.21 3.00
N GLN B 25 -30.45 -5.76 -26.77
CA GLN B 25 -29.37 -6.76 -27.07
C GLN B 25 -28.59 -7.02 -25.78
N GLY B 26 -27.36 -7.52 -25.93
CA GLY B 26 -26.35 -7.54 -24.87
C GLY B 26 -24.97 -7.39 -25.50
N PRO B 27 -23.89 -7.79 -24.77
CA PRO B 27 -22.58 -7.82 -25.44
C PRO B 27 -22.56 -8.85 -26.55
N PRO B 28 -21.71 -8.63 -27.58
CA PRO B 28 -21.61 -9.62 -28.62
C PRO B 28 -21.09 -10.92 -28.00
N SER B 29 -21.76 -12.05 -28.28
CA SER B 29 -21.38 -13.32 -27.65
C SER B 29 -19.92 -13.65 -27.92
N PRO B 30 -19.20 -14.09 -26.87
CA PRO B 30 -17.80 -14.48 -27.10
C PRO B 30 -17.63 -15.75 -27.95
N GLY B 31 -18.66 -16.57 -28.06
CA GLY B 31 -18.62 -17.75 -28.95
C GLY B 31 -17.90 -18.99 -28.42
N TYR B 32 -17.46 -18.92 -27.15
CA TYR B 32 -16.84 -20.03 -26.42
C TYR B 32 -16.88 -19.68 -24.93
N TYR B 33 -17.00 -20.70 -24.08
CA TYR B 33 -17.34 -20.48 -22.67
C TYR B 33 -16.44 -21.33 -21.79
N PRO B 34 -15.21 -20.85 -21.56
CA PRO B 34 -14.26 -21.63 -20.76
C PRO B 34 -14.84 -22.05 -19.38
N SER B 35 -15.59 -21.16 -18.73
CA SER B 35 -16.10 -21.46 -17.39
C SER B 35 -16.93 -22.75 -17.37
N SER B 36 -17.63 -23.00 -18.48
CA SER B 36 -18.55 -24.13 -18.61
C SER B 36 -17.84 -25.43 -18.94
N GLN B 37 -16.57 -25.34 -19.30
CA GLN B 37 -15.74 -26.49 -19.68
C GLN B 37 -14.86 -26.98 -18.54
N ILE B 38 -14.98 -26.33 -17.39
CA ILE B 38 -14.17 -26.63 -16.21
C ILE B 38 -15.12 -26.97 -15.10
N THR B 39 -14.76 -27.99 -14.32
CA THR B 39 -15.62 -28.50 -13.25
C THR B 39 -15.81 -27.46 -12.14
N SER B 40 -17.06 -27.23 -11.76
CA SER B 40 -17.37 -26.39 -10.60
C SER B 40 -17.05 -27.14 -9.31
N LEU B 41 -16.30 -26.49 -8.42
CA LEU B 41 -15.98 -27.06 -7.11
C LEU B 41 -16.66 -26.32 -5.99
N GLY B 42 -16.88 -27.02 -4.88
CA GLY B 42 -17.33 -26.38 -3.63
C GLY B 42 -16.14 -25.70 -2.96
N PHE B 43 -16.40 -24.75 -2.07
CA PHE B 43 -15.34 -23.96 -1.44
C PHE B 43 -14.27 -24.84 -0.79
N ASP B 44 -14.72 -25.83 0.00
CA ASP B 44 -13.83 -26.70 0.75
C ASP B 44 -12.95 -27.59 -0.14
N GLN B 45 -13.27 -27.76 -1.42
CA GLN B 45 -12.40 -28.56 -2.30
C GLN B 45 -11.13 -27.82 -2.72
N GLY B 46 -11.14 -26.48 -2.61
CA GLY B 46 -10.03 -25.66 -3.10
C GLY B 46 -9.44 -24.60 -2.20
N TYR B 47 -10.15 -24.27 -1.11
CA TYR B 47 -9.88 -23.10 -0.28
C TYR B 47 -10.12 -23.36 1.21
N THR B 48 -9.54 -22.53 2.07
CA THR B 48 -9.88 -22.47 3.51
C THR B 48 -9.91 -20.99 3.92
N ASN B 49 -10.57 -20.73 5.04
CA ASN B 49 -10.48 -19.43 5.64
C ASN B 49 -9.02 -19.03 5.90
N LEU B 50 -8.77 -17.74 5.73
CA LEU B 50 -7.48 -17.13 6.04
C LEU B 50 -7.63 -16.28 7.29
N TRP B 51 -8.71 -15.50 7.37
CA TRP B 51 -8.96 -14.63 8.51
C TRP B 51 -10.45 -14.32 8.65
N GLY B 52 -10.86 -13.95 9.85
CA GLY B 52 -12.27 -13.71 10.17
C GLY B 52 -13.14 -14.93 9.90
N PRO B 53 -12.78 -16.08 10.48
CA PRO B 53 -13.58 -17.31 10.36
C PRO B 53 -15.01 -17.19 10.84
N GLN B 54 -15.22 -16.36 11.85
CA GLN B 54 -16.55 -16.05 12.40
C GLN B 54 -17.42 -15.23 11.44
N HIS B 55 -16.82 -14.73 10.35
CA HIS B 55 -17.56 -14.02 9.31
C HIS B 55 -17.52 -14.79 8.01
N GLN B 56 -17.38 -16.10 8.12
CA GLN B 56 -17.41 -17.00 6.98
C GLN B 56 -18.41 -18.11 7.26
N ARG B 57 -19.26 -18.43 6.28
CA ARG B 57 -20.00 -19.69 6.32
C ARG B 57 -20.08 -20.32 4.93
N VAL B 58 -20.04 -21.64 4.93
CA VAL B 58 -20.09 -22.43 3.73
C VAL B 58 -21.36 -23.28 3.80
N ASP B 59 -22.13 -23.27 2.71
CA ASP B 59 -23.40 -23.97 2.65
C ASP B 59 -23.48 -24.77 1.33
N GLN B 60 -23.32 -26.09 1.42
CA GLN B 60 -23.23 -26.96 0.25
C GLN B 60 -22.28 -26.40 -0.80
N GLY B 61 -21.06 -26.07 -0.38
CA GLY B 61 -20.04 -25.57 -1.27
C GLY B 61 -20.05 -24.09 -1.60
N SER B 62 -21.14 -23.39 -1.27
CA SER B 62 -21.27 -21.95 -1.50
C SER B 62 -20.75 -21.16 -0.33
N LEU B 63 -19.96 -20.13 -0.62
CA LEU B 63 -19.28 -19.31 0.38
C LEU B 63 -20.08 -18.02 0.61
N THR B 64 -20.29 -17.68 1.87
CA THR B 64 -20.80 -16.38 2.27
C THR B 64 -19.81 -15.78 3.28
N ILE B 65 -19.30 -14.59 2.97
CA ILE B 65 -18.40 -13.85 3.84
C ILE B 65 -18.93 -12.45 4.03
N TRP B 66 -18.61 -11.84 5.16
CA TRP B 66 -19.11 -10.53 5.42
C TRP B 66 -18.26 -9.64 6.32
N LEU B 67 -18.54 -8.34 6.20
CA LEU B 67 -17.88 -7.26 6.91
C LEU B 67 -18.87 -6.52 7.81
N ASP B 68 -18.47 -6.33 9.07
CA ASP B 68 -19.11 -5.38 9.98
C ASP B 68 -18.00 -4.59 10.67
N SER B 69 -18.35 -3.81 11.69
CA SER B 69 -17.43 -2.86 12.31
C SER B 69 -16.34 -3.55 13.12
N THR B 70 -16.48 -4.85 13.35
CA THR B 70 -15.46 -5.61 14.07
C THR B 70 -14.45 -6.36 13.18
N SER B 71 -14.87 -6.76 11.98
CA SER B 71 -14.04 -7.61 11.09
C SER B 71 -14.71 -7.81 9.76
N GLY B 72 -13.89 -7.93 8.71
CA GLY B 72 -14.30 -8.52 7.45
C GLY B 72 -13.96 -10.00 7.46
N SER B 73 -13.76 -10.58 6.28
CA SER B 73 -13.30 -11.96 6.20
C SER B 73 -12.57 -12.20 4.88
N GLY B 74 -11.71 -13.21 4.88
CA GLY B 74 -10.97 -13.59 3.70
C GLY B 74 -10.53 -15.04 3.67
N PHE B 75 -10.32 -15.54 2.45
CA PHE B 75 -9.94 -16.92 2.23
C PHE B 75 -8.73 -17.02 1.30
N LYS B 76 -8.15 -18.21 1.26
CA LYS B 76 -6.91 -18.50 0.52
C LYS B 76 -6.95 -19.92 -0.03
N SER B 77 -6.50 -20.11 -1.25
CA SER B 77 -6.44 -21.46 -1.82
C SER B 77 -5.53 -22.39 -1.02
N ILE B 78 -5.84 -23.68 -1.09
CA ILE B 78 -5.06 -24.72 -0.44
C ILE B 78 -3.72 -24.89 -1.15
N ASN B 79 -3.75 -24.79 -2.48
CA ASN B 79 -2.58 -24.95 -3.31
C ASN B 79 -2.06 -23.63 -3.85
N ARG B 80 -0.78 -23.66 -4.16
CA ARG B 80 -0.03 -22.56 -4.74
C ARG B 80 0.19 -22.95 -6.19
N TYR B 81 0.08 -21.99 -7.11
CA TYR B 81 -0.02 -22.27 -8.53
C TYR B 81 1.04 -21.61 -9.39
N ARG B 82 1.35 -22.23 -10.52
CA ARG B 82 2.26 -21.67 -11.53
C ARG B 82 1.56 -21.17 -12.80
N SER B 83 0.31 -21.58 -13.00
CA SER B 83 -0.53 -21.15 -14.12
C SER B 83 -1.96 -21.69 -13.91
N GLY B 84 -2.91 -21.15 -14.66
CA GLY B 84 -4.26 -21.67 -14.63
C GLY B 84 -5.35 -20.66 -14.91
N TYR B 85 -6.57 -21.19 -14.93
CA TYR B 85 -7.81 -20.45 -15.03
C TYR B 85 -8.39 -20.51 -13.63
N PHE B 86 -8.64 -19.34 -13.04
CA PHE B 86 -9.08 -19.23 -11.66
C PHE B 86 -10.38 -18.43 -11.68
N GLY B 87 -11.47 -19.09 -11.31
CA GLY B 87 -12.82 -18.54 -11.51
C GLY B 87 -13.76 -18.76 -10.34
N ALA B 88 -14.75 -17.87 -10.22
CA ALA B 88 -15.82 -18.06 -9.27
C ALA B 88 -17.04 -17.31 -9.77
N ASN B 89 -18.21 -17.81 -9.37
CA ASN B 89 -19.46 -17.07 -9.52
C ASN B 89 -19.61 -16.23 -8.27
N ILE B 90 -19.82 -14.93 -8.45
CA ILE B 90 -19.88 -13.98 -7.34
C ILE B 90 -21.18 -13.18 -7.47
N LYS B 91 -21.81 -12.94 -6.31
CA LYS B 91 -22.90 -11.97 -6.16
C LYS B 91 -22.57 -10.91 -5.10
N LEU B 92 -22.79 -9.65 -5.47
CA LEU B 92 -22.46 -8.52 -4.62
C LEU B 92 -23.70 -8.04 -3.84
N GLN B 93 -23.46 -7.21 -2.83
CA GLN B 93 -24.53 -6.61 -2.03
C GLN B 93 -25.04 -5.30 -2.59
N SER B 94 -26.36 -5.16 -2.64
CA SER B 94 -27.00 -3.92 -3.09
C SER B 94 -27.02 -2.88 -1.97
N GLY B 95 -27.47 -1.68 -2.30
CA GLY B 95 -27.59 -0.59 -1.31
C GLY B 95 -26.28 0.17 -1.07
N TYR B 96 -26.18 0.79 0.11
CA TYR B 96 -24.99 1.54 0.49
C TYR B 96 -23.81 0.57 0.73
N THR B 97 -22.80 0.64 -0.12
CA THR B 97 -21.60 -0.21 0.00
C THR B 97 -20.31 0.55 -0.20
N ALA B 98 -20.38 1.87 -0.06
CA ALA B 98 -19.23 2.71 -0.30
C ALA B 98 -18.08 2.32 0.62
N GLY B 99 -16.88 2.38 0.10
CA GLY B 99 -15.70 2.02 0.86
C GLY B 99 -15.43 0.53 1.03
N VAL B 100 -16.35 -0.32 0.57
CA VAL B 100 -16.23 -1.77 0.73
C VAL B 100 -15.82 -2.40 -0.58
N ILE B 101 -14.78 -3.24 -0.48
CA ILE B 101 -14.27 -4.02 -1.58
C ILE B 101 -14.53 -5.51 -1.37
N THR B 102 -15.05 -6.12 -2.41
CA THR B 102 -15.23 -7.57 -2.51
C THR B 102 -14.24 -8.00 -3.55
N SER B 103 -13.38 -8.96 -3.22
CA SER B 103 -12.24 -9.27 -4.08
C SER B 103 -12.17 -10.75 -4.47
N PHE B 104 -11.46 -10.99 -5.57
CA PHE B 104 -11.06 -12.30 -6.00
C PHE B 104 -9.79 -12.10 -6.81
N TYR B 105 -8.67 -12.62 -6.31
CA TYR B 105 -7.36 -12.28 -6.85
C TYR B 105 -6.29 -13.35 -6.62
N LEU B 106 -5.19 -13.23 -7.38
CA LEU B 106 -4.01 -14.05 -7.18
C LEU B 106 -2.93 -13.16 -6.59
N SER B 107 -2.14 -13.70 -5.66
CA SER B 107 -1.08 -12.95 -4.99
C SER B 107 -0.03 -13.86 -4.41
N ASN B 108 1.16 -13.31 -4.20
CA ASN B 108 2.19 -13.93 -3.38
C ASN B 108 2.72 -12.99 -2.27
N ASN B 109 1.86 -12.05 -1.85
CA ASN B 109 2.22 -11.06 -0.82
C ASN B 109 2.73 -11.60 0.52
N GLN B 110 2.28 -12.80 0.90
CA GLN B 110 2.74 -13.46 2.13
C GLN B 110 4.06 -14.19 1.93
N ASP B 111 4.43 -14.44 0.68
CA ASP B 111 5.70 -15.10 0.36
C ASP B 111 6.81 -14.10 0.07
N TYR B 112 6.46 -12.94 -0.49
CA TYR B 112 7.42 -11.89 -0.79
C TYR B 112 6.97 -10.56 -0.19
N PRO B 113 6.93 -10.50 1.16
CA PRO B 113 6.39 -9.30 1.81
C PRO B 113 7.06 -7.99 1.36
N GLY B 114 6.24 -7.04 0.93
CA GLY B 114 6.70 -5.71 0.56
C GLY B 114 7.16 -5.57 -0.88
N LYS B 115 7.41 -6.67 -1.59
CA LYS B 115 7.85 -6.65 -2.99
C LYS B 115 7.30 -7.88 -3.74
N HIS B 116 5.97 -7.93 -3.85
CA HIS B 116 5.26 -9.12 -4.33
C HIS B 116 4.56 -8.91 -5.70
N ASP B 117 3.98 -9.98 -6.22
CA ASP B 117 3.21 -9.94 -7.46
C ASP B 117 1.74 -10.22 -7.18
N GLU B 118 0.87 -9.65 -8.00
CA GLU B 118 -0.56 -9.76 -7.81
C GLU B 118 -1.30 -9.65 -9.16
N ILE B 119 -2.43 -10.34 -9.26
CA ILE B 119 -3.38 -10.17 -10.39
C ILE B 119 -4.79 -10.08 -9.80
N ASP B 120 -5.46 -8.95 -10.00
CA ASP B 120 -6.60 -8.61 -9.17
C ASP B 120 -7.88 -8.40 -9.96
N ILE B 121 -8.96 -8.91 -9.40
CA ILE B 121 -10.33 -8.42 -9.66
C ILE B 121 -10.84 -7.88 -8.34
N GLU B 122 -11.27 -6.62 -8.35
CA GLU B 122 -11.79 -5.97 -7.17
C GLU B 122 -13.10 -5.28 -7.54
N PHE B 123 -14.16 -5.58 -6.79
CA PHE B 123 -15.43 -4.87 -6.92
C PHE B 123 -15.46 -3.72 -5.93
N LEU B 124 -15.56 -2.50 -6.44
CA LEU B 124 -15.52 -1.32 -5.62
C LEU B 124 -16.94 -0.85 -5.32
N GLY B 125 -17.30 -0.90 -4.05
CA GLY B 125 -18.64 -0.54 -3.60
C GLY B 125 -18.96 0.92 -3.86
N THR B 126 -20.19 1.31 -3.53
CA THR B 126 -20.80 2.50 -4.12
C THR B 126 -21.89 3.11 -3.19
N ILE B 127 -22.19 4.40 -3.38
CA ILE B 127 -23.36 4.99 -2.73
C ILE B 127 -24.63 4.60 -3.52
N PRO B 128 -25.80 4.59 -2.83
CA PRO B 128 -27.04 4.17 -3.48
C PRO B 128 -27.34 4.95 -4.75
N GLY B 129 -27.71 4.23 -5.80
CA GLY B 129 -28.06 4.81 -7.07
C GLY B 129 -26.96 4.73 -8.10
N LYS B 130 -25.74 4.45 -7.65
CA LYS B 130 -24.59 4.41 -8.53
C LYS B 130 -24.09 2.96 -8.71
N PRO B 131 -23.46 2.67 -9.84
CA PRO B 131 -23.06 1.28 -10.08
C PRO B 131 -21.73 0.86 -9.43
N TYR B 132 -21.59 -0.44 -9.22
CA TYR B 132 -20.29 -0.99 -8.83
C TYR B 132 -19.28 -0.72 -9.94
N THR B 133 -18.02 -0.64 -9.55
CA THR B 133 -16.90 -0.57 -10.48
C THR B 133 -16.10 -1.86 -10.33
N LEU B 134 -15.80 -2.51 -11.45
CA LEU B 134 -14.92 -3.67 -11.46
C LEU B 134 -13.53 -3.21 -11.88
N GLN B 135 -12.57 -3.29 -10.95
CA GLN B 135 -11.17 -2.93 -11.22
C GLN B 135 -10.32 -4.19 -11.42
N THR B 136 -9.51 -4.17 -12.47
CA THR B 136 -8.49 -5.17 -12.69
C THR B 136 -7.15 -4.48 -12.52
N ASN B 137 -6.16 -5.24 -12.05
CA ASN B 137 -4.83 -4.70 -11.82
C ASN B 137 -3.78 -5.81 -11.88
N VAL B 138 -2.55 -5.40 -12.16
CA VAL B 138 -1.41 -6.32 -12.17
C VAL B 138 -0.28 -5.65 -11.39
N PHE B 139 0.30 -6.40 -10.44
CA PHE B 139 1.49 -5.98 -9.68
C PHE B 139 2.64 -6.92 -9.98
N ILE B 140 3.81 -6.34 -10.23
CA ILE B 140 5.02 -7.12 -10.43
C ILE B 140 6.12 -6.55 -9.52
N GLU B 141 6.59 -7.35 -8.54
CA GLU B 141 7.67 -6.93 -7.64
C GLU B 141 7.38 -5.59 -6.98
N GLY B 142 6.17 -5.47 -6.43
CA GLY B 142 5.74 -4.23 -5.79
C GLY B 142 5.17 -3.15 -6.67
N SER B 143 5.39 -3.23 -7.98
CA SER B 143 4.91 -2.20 -8.92
C SER B 143 3.51 -2.48 -9.46
N GLY B 144 2.51 -1.74 -8.97
CA GLY B 144 1.15 -1.83 -9.51
C GLY B 144 0.89 -0.66 -10.46
N ASP B 145 -0.12 0.14 -10.16
CA ASP B 145 -0.52 1.27 -11.00
C ASP B 145 -0.91 0.86 -12.41
N ARG B 146 -1.43 -0.36 -12.55
CA ARG B 146 -1.86 -0.91 -13.83
C ARG B 146 -3.39 -1.19 -13.84
N GLU B 147 -4.16 -0.23 -13.37
CA GLU B 147 -5.60 -0.39 -13.19
C GLU B 147 -6.36 -0.16 -14.49
N MET B 148 -7.29 -1.07 -14.76
CA MET B 148 -8.34 -0.83 -15.72
C MET B 148 -9.68 -1.04 -15.03
N ARG B 149 -10.58 -0.08 -15.19
CA ARG B 149 -11.89 -0.09 -14.56
C ARG B 149 -13.01 -0.06 -15.58
N ILE B 150 -14.08 -0.77 -15.26
CA ILE B 150 -15.27 -0.83 -16.06
C ILE B 150 -16.50 -0.82 -15.17
N HIS B 151 -17.64 -0.46 -15.74
CA HIS B 151 -18.93 -0.80 -15.17
C HIS B 151 -19.46 -2.00 -15.96
N LEU B 152 -20.55 -2.58 -15.49
CA LEU B 152 -21.04 -3.84 -16.03
C LEU B 152 -22.37 -3.66 -16.77
N TRP B 153 -22.63 -4.61 -17.67
CA TRP B 153 -23.78 -4.57 -18.55
C TRP B 153 -24.97 -5.36 -17.98
N PHE B 154 -24.91 -5.55 -16.66
CA PHE B 154 -25.96 -6.20 -15.88
C PHE B 154 -25.80 -5.69 -14.43
N ASP B 155 -26.72 -6.10 -13.56
CA ASP B 155 -26.67 -5.78 -12.15
C ASP B 155 -25.96 -6.89 -11.38
N PRO B 156 -24.74 -6.62 -10.86
CA PRO B 156 -23.99 -7.68 -10.21
C PRO B 156 -24.48 -8.04 -8.78
N THR B 157 -25.48 -7.32 -8.29
CA THR B 157 -26.07 -7.57 -6.99
C THR B 157 -27.32 -8.48 -7.07
N GLN B 158 -27.89 -8.62 -8.25
CA GLN B 158 -29.16 -9.31 -8.41
C GLN B 158 -28.96 -10.83 -8.56
N ASP B 159 -27.88 -11.23 -9.22
CA ASP B 159 -27.65 -12.63 -9.54
C ASP B 159 -26.16 -12.90 -9.46
N TYR B 160 -25.78 -14.17 -9.45
CA TYR B 160 -24.39 -14.54 -9.52
C TYR B 160 -23.90 -14.50 -10.98
N HIS B 161 -22.69 -13.97 -11.17
CA HIS B 161 -22.01 -13.95 -12.46
C HIS B 161 -20.63 -14.57 -12.36
N ASN B 162 -20.17 -15.14 -13.48
CA ASN B 162 -18.83 -15.67 -13.56
C ASN B 162 -17.78 -14.57 -13.70
N TYR B 163 -16.72 -14.67 -12.89
CA TYR B 163 -15.57 -13.80 -13.02
C TYR B 163 -14.32 -14.67 -12.97
N ALA B 164 -13.33 -14.37 -13.80
CA ALA B 164 -12.15 -15.21 -13.82
C ALA B 164 -10.87 -14.50 -14.22
N ILE B 165 -9.77 -15.04 -13.66
CA ILE B 165 -8.42 -14.68 -14.04
C ILE B 165 -7.72 -15.87 -14.68
N TYR B 166 -7.19 -15.61 -15.87
CA TYR B 166 -6.43 -16.61 -16.60
C TYR B 166 -4.98 -16.11 -16.63
N TRP B 167 -4.06 -16.97 -16.26
CA TRP B 167 -2.68 -16.60 -16.10
C TRP B 167 -1.80 -17.73 -16.59
N THR B 168 -1.03 -17.46 -17.65
CA THR B 168 -0.03 -18.40 -18.11
C THR B 168 1.29 -17.69 -18.31
N PRO B 169 2.38 -18.46 -18.54
CA PRO B 169 3.63 -17.82 -18.86
C PRO B 169 3.62 -16.92 -20.10
N SER B 170 2.55 -16.91 -20.91
CA SER B 170 2.49 -15.95 -22.03
C SER B 170 1.43 -14.82 -21.94
N GLU B 171 0.47 -14.91 -21.02
CA GLU B 171 -0.60 -13.89 -20.98
C GLU B 171 -1.46 -13.95 -19.74
N ILE B 172 -2.14 -12.84 -19.49
CA ILE B 172 -3.19 -12.78 -18.51
C ILE B 172 -4.42 -12.25 -19.22
N ILE B 173 -5.55 -12.91 -19.00
CA ILE B 173 -6.81 -12.46 -19.54
C ILE B 173 -7.82 -12.45 -18.40
N PHE B 174 -8.61 -11.37 -18.30
CA PHE B 174 -9.68 -11.29 -17.32
C PHE B 174 -11.02 -11.47 -18.01
N PHE B 175 -11.93 -12.17 -17.34
CA PHE B 175 -13.21 -12.56 -17.90
C PHE B 175 -14.37 -12.21 -16.98
N VAL B 176 -15.47 -11.79 -17.60
CA VAL B 176 -16.78 -11.63 -16.99
C VAL B 176 -17.78 -12.48 -17.81
N ASP B 177 -18.33 -13.54 -17.22
CA ASP B 177 -19.23 -14.48 -17.92
C ASP B 177 -18.63 -14.91 -19.27
N ASP B 178 -17.35 -15.27 -19.24
CA ASP B 178 -16.60 -15.73 -20.40
C ASP B 178 -16.36 -14.63 -21.46
N VAL B 179 -16.81 -13.41 -21.21
CA VAL B 179 -16.44 -12.26 -22.06
C VAL B 179 -15.07 -11.77 -21.59
N PRO B 180 -14.04 -11.79 -22.46
CA PRO B 180 -12.79 -11.18 -22.00
C PRO B 180 -12.96 -9.68 -21.90
N ILE B 181 -12.51 -9.07 -20.81
CA ILE B 181 -12.62 -7.65 -20.65
C ILE B 181 -11.26 -6.98 -20.74
N ARG B 182 -10.21 -7.78 -20.59
CA ARG B 182 -8.85 -7.28 -20.62
C ARG B 182 -7.85 -8.39 -20.90
N ARG B 183 -6.84 -8.10 -21.72
CA ARG B 183 -5.72 -9.01 -21.95
C ARG B 183 -4.40 -8.27 -21.70
N TYR B 184 -3.48 -8.94 -21.01
CA TYR B 184 -2.21 -8.35 -20.59
C TYR B 184 -1.14 -9.34 -21.03
N PRO B 185 -0.61 -9.17 -22.27
CA PRO B 185 0.40 -10.12 -22.78
C PRO B 185 1.76 -9.96 -22.13
N ARG B 186 2.52 -11.04 -22.04
CA ARG B 186 3.87 -10.95 -21.53
C ARG B 186 4.73 -10.24 -22.56
N LYS B 187 5.18 -9.02 -22.25
CA LYS B 187 6.04 -8.26 -23.16
C LYS B 187 7.51 -8.24 -22.69
N SER B 188 7.71 -8.26 -21.39
CA SER B 188 9.04 -8.33 -20.83
C SER B 188 8.93 -9.01 -19.47
N ASP B 189 10.01 -9.65 -19.01
CA ASP B 189 9.99 -10.28 -17.70
C ASP B 189 9.72 -9.29 -16.59
N ALA B 190 10.27 -8.09 -16.71
CA ALA B 190 10.11 -7.08 -15.66
C ALA B 190 8.66 -6.65 -15.49
N THR B 191 7.83 -6.86 -16.51
CA THR B 191 6.44 -6.38 -16.49
C THR B 191 5.37 -7.46 -16.44
N PHE B 192 5.78 -8.70 -16.09
CA PHE B 192 4.88 -9.85 -16.07
C PHE B 192 5.10 -10.73 -14.84
N PRO B 193 4.01 -11.17 -14.18
CA PRO B 193 4.08 -12.12 -13.06
C PRO B 193 4.61 -13.54 -13.43
N LEU B 194 5.82 -13.83 -12.98
CA LEU B 194 6.51 -15.09 -13.29
C LEU B 194 6.86 -15.88 -12.05
N ARG B 195 6.28 -15.53 -10.90
CA ARG B 195 6.47 -16.36 -9.72
C ARG B 195 5.14 -16.98 -9.32
N PRO B 196 5.20 -18.05 -8.50
CA PRO B 196 3.96 -18.72 -8.11
C PRO B 196 3.01 -17.83 -7.28
N LEU B 197 1.72 -18.07 -7.47
CA LEU B 197 0.66 -17.27 -6.83
C LEU B 197 -0.33 -18.19 -6.13
N TRP B 198 -0.91 -17.69 -5.04
CA TRP B 198 -2.07 -18.30 -4.43
C TRP B 198 -3.28 -17.50 -4.87
N VAL B 199 -4.45 -18.12 -4.76
CA VAL B 199 -5.75 -17.45 -4.94
C VAL B 199 -6.25 -16.95 -3.57
N TYR B 200 -6.85 -15.77 -3.56
CA TYR B 200 -7.44 -15.17 -2.38
C TYR B 200 -8.75 -14.50 -2.74
N GLY B 201 -9.58 -14.30 -1.73
CA GLY B 201 -10.74 -13.43 -1.81
C GLY B 201 -10.93 -12.81 -0.45
N SER B 202 -11.67 -11.69 -0.42
CA SER B 202 -11.98 -11.00 0.80
C SER B 202 -13.15 -10.03 0.65
N VAL B 203 -13.74 -9.65 1.76
CA VAL B 203 -14.59 -8.47 1.87
C VAL B 203 -13.99 -7.62 3.00
N TRP B 204 -13.64 -6.37 2.68
CA TRP B 204 -12.92 -5.51 3.60
C TRP B 204 -13.21 -4.04 3.35
N ASP B 205 -12.84 -3.25 4.35
CA ASP B 205 -13.05 -1.82 4.39
C ASP B 205 -11.82 -1.12 3.82
N ALA B 206 -11.98 -0.64 2.60
CA ALA B 206 -10.93 0.13 1.90
C ALA B 206 -11.34 1.58 1.74
N SER B 207 -11.90 2.18 2.80
CA SER B 207 -12.54 3.50 2.70
C SER B 207 -11.65 4.57 2.06
N SER B 208 -10.34 4.48 2.30
CA SER B 208 -9.43 5.51 1.82
C SER B 208 -9.41 5.70 0.32
N TRP B 209 -9.76 4.66 -0.47
CA TRP B 209 -9.68 4.77 -1.94
C TRP B 209 -10.74 4.07 -2.81
N ALA B 210 -11.51 3.17 -2.22
CA ALA B 210 -12.36 2.25 -2.99
C ALA B 210 -13.40 2.99 -3.85
N THR B 211 -14.15 3.89 -3.23
CA THR B 211 -15.28 4.57 -3.90
C THR B 211 -14.96 6.02 -4.32
N GLU B 212 -14.83 6.23 -5.64
CA GLU B 212 -14.47 7.53 -6.22
C GLU B 212 -13.23 8.09 -5.51
N ASN B 213 -12.22 7.22 -5.37
CA ASN B 213 -10.94 7.58 -4.77
C ASN B 213 -11.03 8.03 -3.31
N GLY B 214 -12.04 7.51 -2.59
CA GLY B 214 -12.23 7.86 -1.19
C GLY B 214 -13.13 9.05 -0.92
N LYS B 215 -13.78 9.57 -1.97
CA LYS B 215 -14.77 10.64 -1.80
C LYS B 215 -15.90 10.17 -0.84
N TYR B 216 -16.24 8.90 -0.88
CA TYR B 216 -17.34 8.34 -0.04
C TYR B 216 -16.83 7.08 0.66
N LYS B 217 -17.03 7.03 1.97
CA LYS B 217 -16.39 6.05 2.82
C LYS B 217 -17.42 5.12 3.47
N ALA B 218 -16.95 4.07 4.14
CA ALA B 218 -17.84 3.06 4.73
C ALA B 218 -18.75 3.70 5.77
N ASP B 219 -20.01 3.27 5.77
CA ASP B 219 -20.98 3.67 6.78
C ASP B 219 -21.56 2.42 7.41
N TYR B 220 -21.12 2.09 8.61
CA TYR B 220 -21.48 0.83 9.23
C TYR B 220 -22.93 0.76 9.73
N ARG B 221 -23.70 1.84 9.59
CA ARG B 221 -25.15 1.76 9.81
C ARG B 221 -25.83 0.75 8.87
N TYR B 222 -25.15 0.45 7.75
CA TYR B 222 -25.69 -0.43 6.73
C TYR B 222 -25.09 -1.83 6.75
N GLN B 223 -24.33 -2.14 7.81
CA GLN B 223 -23.69 -3.45 7.98
C GLN B 223 -24.75 -4.55 8.26
N PRO B 224 -24.44 -5.83 7.99
CA PRO B 224 -23.21 -6.32 7.38
C PRO B 224 -23.13 -6.08 5.88
N PHE B 225 -21.91 -6.16 5.37
CA PHE B 225 -21.63 -6.07 3.95
C PHE B 225 -21.20 -7.45 3.53
N VAL B 226 -22.01 -8.07 2.68
CA VAL B 226 -21.91 -9.50 2.36
C VAL B 226 -21.36 -9.74 0.97
N GLY B 227 -20.45 -10.72 0.86
CA GLY B 227 -19.93 -11.22 -0.42
C GLY B 227 -20.24 -12.71 -0.54
N LYS B 228 -20.76 -13.12 -1.71
CA LYS B 228 -21.19 -14.51 -1.94
C LYS B 228 -20.47 -15.10 -3.16
N TYR B 229 -19.87 -16.26 -2.98
CA TYR B 229 -19.07 -16.92 -3.99
C TYR B 229 -19.43 -18.39 -4.11
N GLU B 230 -19.47 -18.93 -5.33
CA GLU B 230 -19.76 -20.36 -5.55
C GLU B 230 -19.30 -20.80 -6.93
N ASP B 231 -19.39 -22.10 -7.22
CA ASP B 231 -18.94 -22.65 -8.52
C ASP B 231 -17.51 -22.22 -8.82
N PHE B 232 -16.62 -22.56 -7.90
CA PHE B 232 -15.22 -22.25 -8.03
C PHE B 232 -14.63 -23.08 -9.16
N LYS B 233 -13.79 -22.43 -9.96
CA LYS B 233 -13.14 -23.08 -11.08
C LYS B 233 -11.64 -23.02 -10.91
N LEU B 234 -10.98 -24.18 -10.97
CA LEU B 234 -9.55 -24.25 -10.87
C LEU B 234 -9.01 -25.13 -11.97
N GLY B 235 -8.89 -24.58 -13.17
CA GLY B 235 -8.29 -25.30 -14.29
C GLY B 235 -6.82 -24.94 -14.39
N SER B 236 -6.04 -25.47 -13.46
CA SER B 236 -4.76 -24.88 -13.14
C SER B 236 -3.67 -25.89 -12.88
N CYS B 237 -2.45 -25.38 -12.71
CA CYS B 237 -1.28 -26.21 -12.51
C CYS B 237 -0.58 -25.74 -11.25
N THR B 238 -0.66 -26.57 -10.19
CA THR B 238 0.00 -26.28 -8.93
C THR B 238 1.50 -26.24 -9.19
N VAL B 239 2.26 -25.66 -8.26
CA VAL B 239 3.72 -25.61 -8.39
C VAL B 239 4.31 -27.02 -8.45
N GLU B 240 3.65 -27.95 -7.75
CA GLU B 240 4.09 -29.34 -7.63
C GLU B 240 3.69 -30.25 -8.81
N ALA B 241 2.84 -29.76 -9.72
CA ALA B 241 2.32 -30.60 -10.80
C ALA B 241 3.39 -31.03 -11.78
N ALA B 242 3.17 -32.16 -12.45
CA ALA B 242 4.10 -32.65 -13.47
C ALA B 242 4.23 -31.60 -14.55
N SER B 243 5.39 -31.57 -15.22
CA SER B 243 5.60 -30.61 -16.30
C SER B 243 4.73 -30.94 -17.52
N SER B 244 4.12 -32.12 -17.53
CA SER B 244 3.10 -32.44 -18.51
C SER B 244 1.83 -31.57 -18.33
N CYS B 245 1.59 -31.08 -17.09
CA CYS B 245 0.38 -30.25 -16.77
C CYS B 245 0.20 -29.07 -17.69
N ASN B 246 -1.02 -28.91 -18.22
CA ASN B 246 -1.42 -27.73 -18.99
C ASN B 246 -2.58 -27.04 -18.29
N PRO B 247 -2.60 -25.70 -18.29
CA PRO B 247 -3.77 -25.02 -17.75
C PRO B 247 -4.98 -25.20 -18.67
N ALA B 248 -6.18 -24.97 -18.13
CA ALA B 248 -7.40 -25.01 -18.94
C ALA B 248 -7.23 -24.14 -20.17
N SER B 249 -7.89 -24.54 -21.25
CA SER B 249 -7.81 -23.79 -22.49
C SER B 249 -8.84 -22.67 -22.41
N VAL B 250 -8.50 -21.53 -22.98
CA VAL B 250 -9.36 -20.36 -22.99
C VAL B 250 -9.95 -20.07 -24.39
N SER B 251 -9.49 -20.85 -25.37
CA SER B 251 -10.04 -20.87 -26.73
C SER B 251 -9.77 -22.21 -27.40
N PRO B 252 -10.67 -22.68 -28.28
CA PRO B 252 -10.33 -23.90 -29.01
C PRO B 252 -9.29 -23.66 -30.13
N TYR B 253 -8.90 -22.39 -30.34
CA TYR B 253 -7.92 -22.02 -31.37
C TYR B 253 -6.56 -21.59 -30.79
N GLY B 254 -6.32 -21.90 -29.53
CA GLY B 254 -5.04 -21.53 -28.87
C GLY B 254 -4.71 -20.04 -28.91
N GLN B 255 -5.75 -19.21 -29.01
CA GLN B 255 -5.65 -17.75 -28.87
C GLN B 255 -7.05 -17.19 -29.01
N LEU B 256 -7.26 -15.99 -28.51
CA LEU B 256 -8.58 -15.41 -28.53
C LEU B 256 -9.15 -15.45 -29.95
N SER B 257 -10.38 -15.94 -30.07
CA SER B 257 -11.07 -15.97 -31.33
C SER B 257 -11.50 -14.59 -31.78
N GLN B 258 -11.92 -14.52 -33.03
CA GLN B 258 -12.49 -13.29 -33.59
C GLN B 258 -13.64 -12.79 -32.72
N GLN B 259 -14.50 -13.72 -32.29
CA GLN B 259 -15.66 -13.39 -31.46
C GLN B 259 -15.24 -12.92 -30.08
N GLN B 260 -14.25 -13.60 -29.50
CA GLN B 260 -13.77 -13.21 -28.16
C GLN B 260 -13.20 -11.81 -28.17
N VAL B 261 -12.41 -11.51 -29.20
CA VAL B 261 -11.78 -10.21 -29.35
C VAL B 261 -12.81 -9.10 -29.60
N ALA B 262 -13.77 -9.36 -30.49
CA ALA B 262 -14.87 -8.44 -30.74
C ALA B 262 -15.65 -8.13 -29.46
N ALA B 263 -15.98 -9.17 -28.68
CA ALA B 263 -16.67 -8.95 -27.40
C ALA B 263 -15.84 -8.10 -26.43
N MET B 264 -14.52 -8.34 -26.39
CA MET B 264 -13.62 -7.54 -25.55
C MET B 264 -13.56 -6.07 -25.98
N GLU B 265 -13.45 -5.85 -27.29
CA GLU B 265 -13.39 -4.50 -27.82
C GLU B 265 -14.68 -3.75 -27.56
N TRP B 266 -15.80 -4.44 -27.69
CA TRP B 266 -17.09 -3.86 -27.35
C TRP B 266 -17.15 -3.39 -25.89
N VAL B 267 -16.64 -4.21 -24.99
CA VAL B 267 -16.58 -3.87 -23.58
C VAL B 267 -15.74 -2.62 -23.35
N GLN B 268 -14.57 -2.55 -23.97
CA GLN B 268 -13.64 -1.46 -23.73
C GLN B 268 -14.11 -0.20 -24.39
N LYS B 269 -14.77 -0.31 -25.55
CA LYS B 269 -15.42 0.83 -26.17
C LYS B 269 -16.59 1.41 -25.35
N ASN B 270 -17.39 0.55 -24.74
CA ASN B 270 -18.66 0.97 -24.16
C ASN B 270 -18.76 0.97 -22.63
N TYR B 271 -17.82 0.30 -21.95
CA TYR B 271 -17.91 0.12 -20.47
C TYR B 271 -16.67 0.49 -19.66
N MET B 272 -15.56 0.76 -20.32
CA MET B 272 -14.33 1.12 -19.65
C MET B 272 -14.45 2.56 -19.22
N VAL B 273 -14.06 2.80 -17.98
CA VAL B 273 -14.13 4.12 -17.38
C VAL B 273 -12.75 4.66 -17.00
N TYR B 274 -11.77 3.76 -16.89
CA TYR B 274 -10.39 4.12 -16.58
C TYR B 274 -9.41 3.06 -17.12
N ASN B 275 -8.36 3.54 -17.78
CA ASN B 275 -7.24 2.71 -18.25
C ASN B 275 -5.94 3.47 -17.95
N TYR B 276 -5.05 2.85 -17.18
CA TYR B 276 -3.83 3.51 -16.74
C TYR B 276 -2.99 4.06 -17.90
N CYS B 277 -2.94 3.30 -19.00
CA CYS B 277 -2.18 3.68 -20.18
C CYS B 277 -2.68 4.93 -20.88
N ASP B 278 -3.93 5.31 -20.64
CA ASP B 278 -4.55 6.46 -21.30
C ASP B 278 -4.70 7.64 -20.36
N ASP B 279 -4.25 7.48 -19.13
CA ASP B 279 -4.32 8.55 -18.14
C ASP B 279 -3.13 9.50 -18.38
N PRO B 280 -3.39 10.76 -18.82
CA PRO B 280 -2.28 11.71 -19.03
C PRO B 280 -1.53 12.14 -17.76
N THR B 281 -2.06 11.82 -16.58
CA THR B 281 -1.36 12.12 -15.32
C THR B 281 -0.42 10.99 -14.89
N ARG B 282 -0.42 9.90 -15.65
CA ARG B 282 0.42 8.77 -15.35
C ARG B 282 1.60 8.80 -16.32
N ASP B 283 2.80 8.56 -15.78
CA ASP B 283 4.00 8.48 -16.59
C ASP B 283 4.12 7.06 -17.15
N HIS B 284 3.72 6.88 -18.41
CA HIS B 284 3.67 5.54 -19.02
C HIS B 284 5.03 4.94 -19.18
N THR B 285 6.08 5.77 -19.07
CA THR B 285 7.45 5.25 -19.04
C THR B 285 7.67 4.24 -17.92
N LEU B 286 7.01 4.45 -16.79
CA LEU B 286 7.11 3.58 -15.64
C LEU B 286 6.36 2.25 -15.85
N THR B 287 5.48 2.18 -16.84
CA THR B 287 4.75 0.95 -17.19
C THR B 287 5.01 0.67 -18.67
N PRO B 288 6.22 0.17 -18.99
CA PRO B 288 6.66 0.09 -20.39
C PRO B 288 5.87 -0.82 -21.30
N GLU B 289 5.06 -1.70 -20.74
CA GLU B 289 4.19 -2.59 -21.51
C GLU B 289 3.04 -1.89 -22.25
N CYS B 290 2.65 -0.68 -21.82
CA CYS B 290 1.52 0.06 -22.42
C CYS B 290 1.69 0.21 -23.92
C2 BGC C . 8.32 -1.13 7.06
C3 BGC C . 9.11 -2.18 6.34
C4 BGC C . 8.20 -2.86 5.33
C5 BGC C . 7.49 -1.96 4.33
C6 BGC C . 6.55 -2.73 3.41
C1 BGC C . 7.58 -0.31 6.05
O2 BGC C . 9.16 -0.24 7.79
O3 BGC C . 9.56 -3.16 7.26
O4 BGC C . 9.07 -3.72 4.63
O5 BGC C . 6.78 -1.03 5.09
O6 BGC C . 5.50 -3.38 4.17
C1 XYS C . 4.64 -4.03 3.37
C2 XYS C . 3.22 -3.99 3.88
C3 XYS C . 3.08 -4.78 5.17
C4 XYS C . 3.65 -6.18 5.02
C5 XYS C . 5.04 -6.11 4.40
O2 XYS C . 2.82 -2.68 4.20
O3 XYS C . 1.75 -4.80 5.64
O4 XYS C . 3.71 -6.77 6.30
O5 XYS C . 5.03 -5.34 3.22
C1 GAL C . 2.36 -1.98 3.05
C2 GAL C . 1.59 -0.78 3.57
C3 GAL C . 1.16 0.14 2.43
C4 GAL C . 2.33 0.39 1.46
C5 GAL C . 3.02 -0.92 1.07
C6 GAL C . 4.25 -0.73 0.21
O2 GAL C . 0.48 -1.21 4.35
O3 GAL C . 0.67 1.34 3.00
O4 GAL C . 3.29 1.26 2.04
O5 GAL C . 3.44 -1.62 2.23
O6 GAL C . 4.92 -1.96 0.06
C2 BGC D . 9.92 -5.93 3.64
C3 BGC D . 9.97 -7.38 4.03
C4 BGC D . 9.87 -7.47 5.56
C5 BGC D . 8.73 -6.72 6.20
C6 BGC D . 8.72 -6.97 7.71
C1 BGC D . 8.76 -5.33 4.36
O2 BGC D . 9.66 -5.76 2.24
O3 BGC D . 11.19 -7.98 3.59
O4 BGC D . 9.64 -8.81 5.90
O5 BGC D . 8.91 -5.36 5.79
O6 BGC D . 7.45 -6.59 8.20
C1 XYS D . 7.28 -6.44 9.52
C2 XYS D . 5.82 -6.36 9.91
C3 XYS D . 5.21 -5.07 9.41
C4 XYS D . 6.04 -3.90 9.88
C5 XYS D . 7.52 -4.13 9.59
O2 XYS D . 5.08 -7.44 9.35
O3 XYS D . 3.89 -4.95 9.92
O4 XYS D . 5.58 -2.75 9.22
O5 XYS D . 7.93 -5.40 10.08
C1 GAL D . 4.87 -8.41 10.39
C2 GAL D . 3.93 -9.54 10.00
C3 GAL D . 4.01 -10.69 11.02
C4 GAL D . 5.46 -11.05 11.38
C5 GAL D . 6.20 -9.79 11.80
C6 GAL D . 7.71 -9.91 12.05
O2 GAL D . 2.59 -9.07 9.88
O3 GAL D . 3.31 -11.80 10.48
O4 GAL D . 6.10 -11.65 10.28
O5 GAL D . 6.13 -8.95 10.66
O6 GAL D . 8.00 -10.81 13.09
C2 BGC E . 10.51 -11.22 6.87
C3 BGC E . 11.78 -12.03 6.99
C4 BGC E . 12.37 -12.36 5.62
C5 BGC E . 12.49 -11.12 4.75
C6 BGC E . 12.82 -11.49 3.31
C1 BGC E . 10.68 -10.09 5.89
O2 BGC E . 10.14 -10.58 8.08
O3 BGC E . 11.43 -13.24 7.64
O4 BGC E . 13.66 -12.93 5.81
O5 BGC E . 11.26 -10.44 4.65
O6 BGC E . 12.90 -10.26 2.56
C1 XYS E . 13.27 -10.50 1.29
C2 XYS E . 13.51 -9.29 0.45
C3 XYS E . 12.15 -8.62 0.14
C4 XYS E . 11.15 -9.63 -0.44
C5 XYS E . 11.17 -10.90 0.41
O2 XYS E . 14.39 -8.47 1.18
O3 XYS E . 12.27 -7.54 -0.77
O4 XYS E . 9.85 -9.09 -0.53
O5 XYS E . 12.51 -11.35 0.55
C2 BGC F . -6.78 -8.46 1.55
C3 BGC F . -7.48 -8.06 2.82
C4 BGC F . -6.68 -6.93 3.45
C5 BGC F . -6.32 -5.74 2.55
C6 BGC F . -5.38 -4.72 3.24
C1 BGC F . -6.63 -7.20 0.77
O2 BGC F . -7.58 -9.35 0.76
O3 BGC F . -7.62 -9.17 3.70
O4 BGC F . -7.49 -6.46 4.53
O5 BGC F . -5.72 -6.26 1.39
O6 BGC F . -4.11 -5.29 3.55
C1 XYS F . -3.24 -4.56 4.24
C2 XYS F . -1.79 -4.80 3.88
C3 XYS F . -1.34 -6.14 4.43
C4 XYS F . -1.67 -6.25 5.93
C5 XYS F . -3.13 -5.86 6.19
O2 XYS F . -1.62 -4.86 2.49
O3 XYS F . 0.03 -6.29 4.15
O4 XYS F . -1.44 -7.54 6.41
O5 XYS F . -3.38 -4.60 5.59
C1 GAL F . -1.52 -3.56 1.91
C2 GAL F . -0.83 -3.73 0.57
C3 GAL F . -0.82 -2.44 -0.26
C4 GAL F . -2.19 -1.74 -0.22
C5 GAL F . -2.69 -1.67 1.23
C6 GAL F . -4.04 -1.01 1.39
O2 GAL F . 0.48 -4.25 0.80
O3 GAL F . -0.45 -2.77 -1.59
O4 GAL F . -3.13 -2.46 -1.00
O5 GAL F . -2.79 -2.98 1.76
O6 GAL F . -4.38 -1.07 2.77
C2 BGC G . -8.09 -5.85 6.89
C3 BGC G . -7.82 -6.36 8.28
C4 BGC G . -7.46 -7.86 8.20
C5 BGC G . -6.36 -8.21 7.23
C6 BGC G . -6.03 -9.70 7.32
C1 BGC G . -6.94 -6.33 6.05
O2 BGC G . -8.09 -4.43 6.81
O3 BGC G . -8.95 -6.18 9.13
O4 BGC G . -7.00 -8.23 9.47
O5 BGC G . -6.85 -7.77 5.95
O6 BGC G . -4.77 -9.94 6.70
C1 XYS G . -4.46 -11.18 6.30
C2 XYS G . -3.02 -11.40 5.96
C3 XYS G . -2.71 -10.71 4.65
C4 XYS G . -3.63 -11.19 3.56
C5 XYS G . -5.07 -11.10 4.05
O2 XYS G . -2.19 -10.89 6.98
O3 XYS G . -1.37 -10.96 4.29
O4 XYS G . -3.46 -10.41 2.40
O5 XYS G . -5.18 -11.76 5.31
C1 GAL G . -1.77 -11.94 7.87
C2 GAL G . -0.72 -11.36 8.82
C3 GAL G . -0.32 -12.40 9.88
C4 GAL G . -1.55 -13.04 10.51
C5 GAL G . -2.43 -13.61 9.41
C6 GAL G . -3.65 -14.33 10.04
O2 GAL G . 0.42 -10.94 8.08
O3 GAL G . 0.53 -11.81 10.85
O4 GAL G . -2.31 -12.12 11.28
O5 GAL G . -2.84 -12.52 8.60
O6 GAL G . -4.52 -14.78 9.02
C2 BGC H . -7.25 -9.73 11.78
C3 BGC H . -8.36 -10.13 12.73
C4 BGC H . -9.04 -8.91 13.34
C5 BGC H . -9.46 -7.91 12.25
C6 BGC H . -9.96 -6.63 12.86
C1 BGC H . -7.72 -8.68 10.83
O2 BGC H . -6.78 -10.81 10.96
O3 BGC H . -7.71 -10.87 13.73
O4 BGC H . -10.21 -9.28 14.06
O5 BGC H . -8.36 -7.56 11.40
O6 BGC H . -10.43 -5.80 11.80
C1 XYS H . -10.89 -4.61 12.20
C2 XYS H . -11.48 -3.68 11.17
C3 XYS H . -10.36 -3.05 10.34
C4 XYS H . -9.33 -2.37 11.26
C5 XYS H . -8.95 -3.30 12.40
O2 XYS H . -12.41 -4.35 10.36
O3 XYS H . -10.87 -2.14 9.37
O4 XYS H . -8.18 -1.97 10.53
O5 XYS H . -10.09 -3.87 13.04
ZN ZN I . -11.96 18.72 -5.79
C1 GOL J . 27.69 -4.27 8.48
O1 GOL J . 27.78 -2.88 8.34
C2 GOL J . 27.30 -4.82 7.13
O2 GOL J . 28.10 -4.11 6.21
C3 GOL J . 27.56 -6.32 7.02
O3 GOL J . 28.21 -6.60 5.79
C2 BGC K . 4.31 3.20 4.57
C3 BGC K . 4.94 1.91 5.08
C4 BGC K . 6.41 2.11 5.37
C5 BGC K . 6.80 3.37 6.11
C6 BGC K . 8.33 3.43 6.25
C1 BGC K . 4.95 4.50 5.06
O2 BGC K . 2.95 3.18 5.00
O3 BGC K . 4.80 0.85 4.10
O4 BGC K . 6.74 1.09 6.24
O5 BGC K . 6.35 4.46 5.35
O6 BGC K . 8.99 3.22 4.97
C1 GOL L . -24.38 -12.29 8.53
O1 GOL L . -25.14 -11.60 9.48
C2 GOL L . -25.28 -12.80 7.42
O2 GOL L . -25.41 -11.78 6.47
C3 GOL L . -24.70 -14.01 6.69
O3 GOL L . -25.69 -15.01 6.58
ZN ZN M . 7.58 9.52 -19.54
C2 BGC N . -4.11 -4.87 -2.93
C3 BGC N . -4.34 -5.70 -1.67
C4 BGC N . -5.74 -6.26 -1.62
C5 BGC N . -6.25 -6.90 -2.90
C6 BGC N . -7.71 -7.29 -2.76
C1 BGC N . -4.86 -5.31 -4.17
O2 BGC N . -2.71 -4.99 -3.26
O3 BGC N . -4.18 -4.90 -0.49
O4 BGC N . -5.70 -7.31 -0.68
O5 BGC N . -6.13 -5.95 -3.95
O6 BGC N . -8.53 -6.13 -2.47
#